data_5Q0O
#
_entry.id   5Q0O
#
_cell.length_a   72.012
_cell.length_b   83.684
_cell.length_c   188.652
_cell.angle_alpha   90.000
_cell.angle_beta   90.000
_cell.angle_gamma   90.000
#
_symmetry.space_group_name_H-M   'C 2 2 21'
#
loop_
_entity.id
_entity.type
_entity.pdbx_description
1 polymer 'Bile acid receptor'
2 polymer 'COACTIVATOR PEPTIDE SRC-1 HD3'
3 non-polymer 'CHLORIDE ION'
4 non-polymer (2S)-2-{2-[4-(benzenecarbonyl)phenyl]-1H-benzimidazol-1-yl}-N,2-dicyclohexylacetamide
5 water water
#
loop_
_entity_poly.entity_id
_entity_poly.type
_entity_poly.pdbx_seq_one_letter_code
_entity_poly.pdbx_strand_id
1 'polypeptide(L)'
;GSHMELTPDQQTLLHFIMDSYNKQRMPQEITNKILKEAFSAEENFLILTEMATNHVQVLVEFTKKLPGFQTLDHEDQIAL
LKGSAVEAMFLRSAEIFNKKLPSGHSDLLEARIRNSGISDEYITPMFSFYKSIGELKMTQEEYALLTAIVILSPDRQYIK
DREAVEKLQEPLLDVLQKLCKIHQPENPQHFACLLGRLTELRTFNHHHAEMLMSWRVNDHKFTPLLCEIWDVQ
;
A,C
2 'polypeptide(L)' KDHQLLRYLLDKDE B,D
#
loop_
_chem_comp.id
_chem_comp.type
_chem_comp.name
_chem_comp.formula
9L7 non-polymer (2S)-2-{2-[4-(benzenecarbonyl)phenyl]-1H-benzimidazol-1-yl}-N,2-dicyclohexylacetamide 'C34 H37 N3 O2'
CL non-polymer 'CHLORIDE ION' 'Cl -1'
#
# COMPACT_ATOMS: atom_id res chain seq x y z
N MET A 4 -12.38 42.21 21.90
CA MET A 4 -11.21 41.47 21.44
C MET A 4 -11.19 40.11 22.15
N GLU A 5 -10.99 40.16 23.48
CA GLU A 5 -10.98 39.07 24.46
C GLU A 5 -12.38 38.43 24.52
N LEU A 6 -12.48 37.15 24.90
CA LEU A 6 -13.78 36.49 25.05
C LEU A 6 -14.54 37.09 26.23
N THR A 7 -15.86 37.26 26.09
CA THR A 7 -16.70 37.77 27.18
C THR A 7 -16.95 36.57 28.12
N PRO A 8 -17.40 36.79 29.39
CA PRO A 8 -17.71 35.64 30.26
C PRO A 8 -18.70 34.64 29.63
N ASP A 9 -19.73 35.13 28.91
CA ASP A 9 -20.73 34.29 28.23
C ASP A 9 -20.10 33.43 27.12
N GLN A 10 -19.15 34.01 26.37
CA GLN A 10 -18.44 33.32 25.29
C GLN A 10 -17.51 32.24 25.84
N GLN A 11 -16.86 32.54 26.99
CA GLN A 11 -15.97 31.61 27.69
C GLN A 11 -16.79 30.42 28.18
N THR A 12 -18.01 30.70 28.68
CA THR A 12 -18.98 29.70 29.16
C THR A 12 -19.37 28.79 28.00
N LEU A 13 -19.76 29.40 26.87
CA LEU A 13 -20.19 28.69 25.65
C LEU A 13 -19.11 27.74 25.17
N LEU A 14 -17.85 28.24 25.04
CA LEU A 14 -16.68 27.48 24.57
C LEU A 14 -16.37 26.27 25.46
N HIS A 15 -16.41 26.43 26.80
CA HIS A 15 -16.14 25.35 27.76
C HIS A 15 -17.18 24.27 27.65
N PHE A 16 -18.45 24.66 27.49
CA PHE A 16 -19.59 23.75 27.33
C PHE A 16 -19.46 22.94 26.04
N ILE A 17 -19.19 23.65 24.90
CA ILE A 17 -19.00 23.04 23.57
C ILE A 17 -17.87 22.00 23.66
N MET A 18 -16.73 22.38 24.27
CA MET A 18 -15.56 21.53 24.40
C MET A 18 -15.84 20.21 25.17
N ASP A 19 -16.59 20.29 26.32
CA ASP A 19 -16.97 19.13 27.14
CA ASP A 19 -16.97 19.16 27.17
C ASP A 19 -17.82 18.13 26.37
N SER A 20 -18.81 18.62 25.58
CA SER A 20 -19.68 17.78 24.75
C SER A 20 -18.89 17.08 23.63
N TYR A 21 -17.95 17.82 23.00
CA TYR A 21 -17.11 17.30 21.92
C TYR A 21 -16.20 16.16 22.37
N ASN A 22 -15.70 16.24 23.62
CA ASN A 22 -14.78 15.25 24.20
C ASN A 22 -15.45 13.92 24.58
N LYS A 23 -16.76 13.77 24.30
CA LYS A 23 -17.50 12.54 24.56
CA LYS A 23 -17.51 12.53 24.56
C LYS A 23 -17.33 11.56 23.38
N GLN A 24 -16.66 12.00 22.31
CA GLN A 24 -16.38 11.22 21.12
C GLN A 24 -15.34 10.15 21.42
N ARG A 25 -15.33 9.06 20.64
CA ARG A 25 -14.34 7.99 20.73
C ARG A 25 -12.94 8.62 20.63
N MET A 26 -12.05 8.30 21.60
CA MET A 26 -10.71 8.87 21.63
CA MET A 26 -10.68 8.83 21.66
C MET A 26 -9.90 8.54 20.37
N PRO A 27 -9.14 9.55 19.84
CA PRO A 27 -8.36 9.32 18.60
C PRO A 27 -7.40 8.13 18.69
N GLN A 28 -6.75 7.94 19.87
CA GLN A 28 -5.80 6.85 20.12
C GLN A 28 -6.44 5.48 19.99
N GLU A 29 -7.74 5.33 20.37
CA GLU A 29 -8.50 4.08 20.27
C GLU A 29 -8.63 3.67 18.80
N ILE A 30 -8.89 4.66 17.93
CA ILE A 30 -9.05 4.47 16.49
C ILE A 30 -7.71 4.15 15.81
N THR A 31 -6.66 4.96 16.07
CA THR A 31 -5.33 4.79 15.47
C THR A 31 -4.63 3.52 15.96
N ASN A 32 -4.82 3.13 17.24
CA ASN A 32 -4.20 1.90 17.78
C ASN A 32 -4.68 0.69 16.99
N LYS A 33 -6.00 0.62 16.71
CA LYS A 33 -6.64 -0.45 15.96
C LYS A 33 -6.08 -0.54 14.51
N ILE A 34 -6.01 0.61 13.82
CA ILE A 34 -5.50 0.71 12.44
C ILE A 34 -4.00 0.37 12.37
N LEU A 35 -3.19 0.91 13.30
CA LEU A 35 -1.74 0.68 13.32
C LEU A 35 -1.33 -0.73 13.73
N LYS A 36 -2.10 -1.37 14.63
CA LYS A 36 -1.84 -2.71 15.19
C LYS A 36 -1.52 -3.76 14.13
N GLU A 37 -2.43 -3.95 13.15
CA GLU A 37 -2.24 -4.93 12.08
C GLU A 37 -2.94 -4.50 10.81
N ALA A 38 -2.52 -5.07 9.67
CA ALA A 38 -3.13 -4.81 8.37
C ALA A 38 -4.38 -5.66 8.25
N PHE A 39 -5.48 -5.04 7.78
CA PHE A 39 -6.73 -5.75 7.56
C PHE A 39 -7.04 -5.78 6.07
N SER A 40 -7.88 -6.72 5.64
CA SER A 40 -8.31 -6.81 4.25
C SER A 40 -9.28 -5.65 3.98
N ALA A 41 -9.61 -5.39 2.70
CA ALA A 41 -10.55 -4.32 2.32
C ALA A 41 -11.92 -4.60 2.94
N GLU A 42 -12.31 -5.89 3.00
CA GLU A 42 -13.57 -6.36 3.60
C GLU A 42 -13.65 -6.00 5.08
N GLU A 43 -12.59 -6.30 5.84
CA GLU A 43 -12.51 -6.02 7.27
C GLU A 43 -12.50 -4.51 7.52
N ASN A 44 -11.81 -3.73 6.67
CA ASN A 44 -11.72 -2.27 6.77
C ASN A 44 -13.07 -1.59 6.54
N PHE A 45 -13.88 -2.13 5.60
CA PHE A 45 -15.22 -1.59 5.33
C PHE A 45 -16.11 -1.76 6.57
N LEU A 46 -16.01 -2.92 7.26
CA LEU A 46 -16.77 -3.18 8.49
C LEU A 46 -16.27 -2.24 9.60
N ILE A 47 -14.94 -2.03 9.71
CA ILE A 47 -14.36 -1.09 10.68
C ILE A 47 -14.95 0.30 10.45
N LEU A 48 -14.96 0.76 9.17
CA LEU A 48 -15.50 2.07 8.80
C LEU A 48 -16.97 2.21 9.21
N THR A 49 -17.84 1.21 8.88
CA THR A 49 -19.26 1.27 9.22
C THR A 49 -19.48 1.29 10.73
N GLU A 50 -18.69 0.50 11.50
CA GLU A 50 -18.84 0.51 12.96
C GLU A 50 -18.38 1.86 13.55
N MET A 51 -17.25 2.41 13.08
CA MET A 51 -16.73 3.72 13.51
C MET A 51 -17.73 4.83 13.17
N ALA A 52 -18.27 4.81 11.93
CA ALA A 52 -19.21 5.83 11.46
C ALA A 52 -20.55 5.79 12.18
N THR A 53 -21.02 4.58 12.56
CA THR A 53 -22.28 4.40 13.31
C THR A 53 -22.12 5.01 14.72
N ASN A 54 -21.01 4.71 15.42
CA ASN A 54 -20.72 5.28 16.74
C ASN A 54 -20.59 6.81 16.62
N HIS A 55 -19.91 7.31 15.56
CA HIS A 55 -19.73 8.74 15.32
C HIS A 55 -21.07 9.46 15.20
N VAL A 56 -22.01 8.91 14.41
CA VAL A 56 -23.35 9.50 14.24
C VAL A 56 -24.10 9.57 15.59
N GLN A 57 -24.02 8.49 16.39
CA GLN A 57 -24.67 8.42 17.69
C GLN A 57 -24.19 9.55 18.61
N VAL A 58 -22.86 9.71 18.72
CA VAL A 58 -22.24 10.75 19.55
C VAL A 58 -22.54 12.14 18.96
N LEU A 59 -22.57 12.25 17.61
CA LEU A 59 -22.86 13.51 16.92
C LEU A 59 -24.25 14.02 17.25
N VAL A 60 -25.27 13.14 17.30
CA VAL A 60 -26.64 13.51 17.64
C VAL A 60 -26.68 14.06 19.07
N GLU A 61 -25.95 13.42 20.00
CA GLU A 61 -25.86 13.85 21.42
C GLU A 61 -25.18 15.23 21.52
N PHE A 62 -24.11 15.46 20.73
CA PHE A 62 -23.39 16.74 20.69
C PHE A 62 -24.33 17.83 20.14
N THR A 63 -25.05 17.49 19.05
CA THR A 63 -25.99 18.38 18.38
C THR A 63 -27.13 18.84 19.33
N LYS A 64 -27.80 17.90 20.03
CA LYS A 64 -28.89 18.25 20.96
C LYS A 64 -28.45 19.16 22.12
N LYS A 65 -27.12 19.18 22.40
CA LYS A 65 -26.53 20.02 23.45
C LYS A 65 -26.18 21.44 22.95
N LEU A 66 -26.15 21.67 21.62
CA LEU A 66 -25.83 23.01 21.08
C LEU A 66 -26.91 24.01 21.52
N PRO A 67 -26.55 25.21 22.06
CA PRO A 67 -27.58 26.15 22.53
C PRO A 67 -28.67 26.47 21.51
N GLY A 68 -29.91 26.24 21.91
CA GLY A 68 -31.10 26.50 21.08
C GLY A 68 -31.48 25.43 20.08
N PHE A 69 -30.63 24.40 19.85
CA PHE A 69 -30.96 23.36 18.86
C PHE A 69 -32.31 22.69 19.11
N GLN A 70 -32.61 22.37 20.38
CA GLN A 70 -33.83 21.67 20.75
C GLN A 70 -35.09 22.55 20.64
N THR A 71 -34.92 23.88 20.48
CA THR A 71 -36.03 24.81 20.28
C THR A 71 -36.39 24.91 18.78
N LEU A 72 -35.54 24.38 17.89
CA LEU A 72 -35.79 24.41 16.44
C LEU A 72 -36.93 23.48 16.04
N ASP A 73 -37.55 23.78 14.90
CA ASP A 73 -38.60 22.96 14.29
C ASP A 73 -38.04 21.55 14.08
N HIS A 74 -38.83 20.50 14.39
CA HIS A 74 -38.41 19.10 14.31
C HIS A 74 -37.92 18.67 12.93
N GLU A 75 -38.58 19.13 11.85
CA GLU A 75 -38.15 18.77 10.48
C GLU A 75 -36.81 19.42 10.16
N ASP A 76 -36.61 20.68 10.61
CA ASP A 76 -35.36 21.42 10.42
C ASP A 76 -34.22 20.74 11.18
N GLN A 77 -34.50 20.18 12.38
CA GLN A 77 -33.52 19.43 13.18
C GLN A 77 -32.96 18.24 12.37
N ILE A 78 -33.86 17.44 11.75
CA ILE A 78 -33.52 16.28 10.92
C ILE A 78 -32.69 16.71 9.70
N ALA A 79 -33.13 17.77 9.02
CA ALA A 79 -32.43 18.31 7.86
C ALA A 79 -31.00 18.76 8.20
N LEU A 80 -30.79 19.35 9.39
CA LEU A 80 -29.46 19.78 9.84
C LEU A 80 -28.54 18.57 10.11
N LEU A 81 -29.08 17.51 10.72
CA LEU A 81 -28.30 16.29 11.02
C LEU A 81 -27.89 15.57 9.74
N LYS A 82 -28.85 15.38 8.81
CA LYS A 82 -28.63 14.74 7.52
C LYS A 82 -27.66 15.55 6.64
N GLY A 83 -27.79 16.87 6.69
CA GLY A 83 -26.92 17.73 5.88
C GLY A 83 -25.48 17.82 6.36
N SER A 84 -25.24 17.50 7.65
CA SER A 84 -23.92 17.67 8.25
C SER A 84 -23.16 16.42 8.66
N ALA A 85 -23.83 15.27 8.84
CA ALA A 85 -23.18 14.04 9.32
C ALA A 85 -21.89 13.64 8.61
N VAL A 86 -21.91 13.59 7.27
CA VAL A 86 -20.74 13.22 6.46
C VAL A 86 -19.62 14.23 6.64
N GLU A 87 -19.97 15.53 6.60
CA GLU A 87 -19.02 16.62 6.77
C GLU A 87 -18.33 16.54 8.15
N ALA A 88 -19.11 16.37 9.23
CA ALA A 88 -18.54 16.25 10.58
C ALA A 88 -17.68 15.00 10.71
N MET A 89 -18.07 13.91 10.01
CA MET A 89 -17.30 12.67 10.01
C MET A 89 -15.90 12.87 9.37
N PHE A 90 -15.84 13.58 8.21
CA PHE A 90 -14.57 13.86 7.55
C PHE A 90 -13.70 14.82 8.34
N LEU A 91 -14.33 15.80 9.02
CA LEU A 91 -13.59 16.74 9.87
C LEU A 91 -12.97 16.00 11.06
N ARG A 92 -13.72 15.08 11.68
CA ARG A 92 -13.21 14.27 12.80
C ARG A 92 -12.08 13.36 12.33
N SER A 93 -12.24 12.77 11.12
CA SER A 93 -11.20 11.92 10.51
C SER A 93 -9.91 12.74 10.30
N ALA A 94 -10.04 13.99 9.79
CA ALA A 94 -8.91 14.90 9.56
C ALA A 94 -8.23 15.22 10.87
N GLU A 95 -9.03 15.49 11.93
CA GLU A 95 -8.50 15.76 13.27
C GLU A 95 -7.66 14.58 13.74
N ILE A 96 -8.20 13.35 13.65
CA ILE A 96 -7.50 12.14 14.08
C ILE A 96 -6.22 11.94 13.28
N PHE A 97 -6.31 12.09 11.94
CA PHE A 97 -5.17 11.91 11.03
C PHE A 97 -3.97 12.80 11.40
N ASN A 98 -4.26 14.02 11.87
CA ASN A 98 -3.26 15.02 12.19
C ASN A 98 -2.79 15.01 13.65
N LYS A 99 -3.36 14.12 14.49
CA LYS A 99 -2.94 13.99 15.89
C LYS A 99 -1.50 13.44 15.95
N LYS A 100 -0.66 14.06 16.79
CA LYS A 100 0.73 13.66 17.00
C LYS A 100 0.85 12.22 17.48
N LEU A 101 1.73 11.44 16.84
CA LEU A 101 1.99 10.04 17.17
C LEU A 101 3.50 9.78 17.27
N PRO A 102 3.97 8.65 17.88
CA PRO A 102 5.43 8.38 17.89
C PRO A 102 6.05 8.31 16.49
N SER A 103 7.39 8.48 16.39
CA SER A 103 8.14 8.46 15.14
C SER A 103 7.80 7.26 14.23
N GLY A 104 7.46 7.57 12.98
CA GLY A 104 7.10 6.58 11.97
C GLY A 104 5.65 6.15 11.93
N HIS A 105 4.89 6.38 13.03
CA HIS A 105 3.48 5.97 13.16
C HIS A 105 2.54 6.68 12.19
N SER A 106 2.75 7.99 11.94
CA SER A 106 1.92 8.76 11.01
C SER A 106 2.06 8.28 9.57
N ASP A 107 3.28 7.83 9.17
CA ASP A 107 3.53 7.30 7.84
C ASP A 107 2.79 5.98 7.66
N LEU A 108 2.83 5.10 8.68
CA LEU A 108 2.12 3.82 8.67
C LEU A 108 0.60 4.02 8.63
N LEU A 109 0.09 5.01 9.41
CA LEU A 109 -1.34 5.33 9.44
C LEU A 109 -1.82 5.74 8.05
N GLU A 110 -1.06 6.64 7.37
CA GLU A 110 -1.38 7.10 6.02
C GLU A 110 -1.33 5.91 5.04
N ALA A 111 -0.30 5.04 5.15
CA ALA A 111 -0.16 3.86 4.30
C ALA A 111 -1.34 2.91 4.49
N ARG A 112 -1.80 2.72 5.75
CA ARG A 112 -2.94 1.86 6.08
C ARG A 112 -4.23 2.41 5.48
N ILE A 113 -4.45 3.74 5.54
CA ILE A 113 -5.65 4.36 4.96
C ILE A 113 -5.62 4.29 3.42
N ARG A 114 -4.43 4.52 2.84
CA ARG A 114 -4.22 4.48 1.39
C ARG A 114 -4.60 3.10 0.80
N ASN A 115 -4.29 2.01 1.53
CA ASN A 115 -4.58 0.65 1.08
C ASN A 115 -5.80 0.02 1.77
N SER A 116 -6.67 0.85 2.34
CA SER A 116 -7.85 0.39 3.07
C SER A 116 -8.92 -0.30 2.24
N GLY A 117 -9.05 0.09 0.97
CA GLY A 117 -10.09 -0.41 0.08
C GLY A 117 -10.76 0.68 -0.72
N ILE A 118 -10.62 1.96 -0.27
CA ILE A 118 -11.15 3.15 -0.95
CA ILE A 118 -11.12 3.19 -0.93
C ILE A 118 -10.54 3.21 -2.37
N SER A 119 -11.35 3.62 -3.37
CA SER A 119 -10.93 3.76 -4.76
C SER A 119 -9.81 4.82 -4.83
N ASP A 120 -8.83 4.61 -5.72
CA ASP A 120 -7.67 5.50 -5.95
CA ASP A 120 -7.68 5.53 -5.87
C ASP A 120 -8.11 6.94 -6.29
N GLU A 121 -9.28 7.07 -6.95
CA GLU A 121 -9.89 8.33 -7.40
C GLU A 121 -10.22 9.26 -6.20
N TYR A 122 -10.54 8.67 -5.04
CA TYR A 122 -10.93 9.43 -3.86
C TYR A 122 -9.85 9.61 -2.80
N ILE A 123 -8.72 8.88 -2.91
CA ILE A 123 -7.60 8.98 -1.98
C ILE A 123 -6.93 10.36 -2.05
N THR A 124 -6.64 10.83 -3.29
CA THR A 124 -5.99 12.13 -3.54
C THR A 124 -6.78 13.30 -2.90
N PRO A 125 -8.10 13.51 -3.17
CA PRO A 125 -8.81 14.63 -2.50
C PRO A 125 -8.92 14.49 -0.99
N MET A 126 -9.03 13.23 -0.48
CA MET A 126 -9.12 12.95 0.95
C MET A 126 -7.83 13.40 1.64
N PHE A 127 -6.68 12.91 1.14
CA PHE A 127 -5.37 13.26 1.70
C PHE A 127 -5.02 14.72 1.48
N SER A 128 -5.45 15.33 0.37
CA SER A 128 -5.23 16.77 0.13
C SER A 128 -5.95 17.54 1.25
N PHE A 129 -7.21 17.17 1.54
CA PHE A 129 -7.99 17.80 2.62
C PHE A 129 -7.34 17.58 3.98
N TYR A 130 -6.90 16.33 4.29
CA TYR A 130 -6.26 16.01 5.57
C TYR A 130 -5.00 16.84 5.81
N LYS A 131 -4.14 16.95 4.77
CA LYS A 131 -2.88 17.70 4.85
C LYS A 131 -3.11 19.20 5.00
N SER A 132 -4.14 19.75 4.29
CA SER A 132 -4.46 21.18 4.38
CA SER A 132 -4.50 21.18 4.37
C SER A 132 -4.97 21.52 5.79
N ILE A 133 -5.76 20.60 6.41
CA ILE A 133 -6.26 20.74 7.78
C ILE A 133 -5.06 20.74 8.73
N GLY A 134 -4.15 19.79 8.53
CA GLY A 134 -2.93 19.66 9.32
C GLY A 134 -2.09 20.92 9.34
N GLU A 135 -1.92 21.56 8.17
CA GLU A 135 -1.17 22.82 8.02
C GLU A 135 -1.74 23.97 8.84
N LEU A 136 -3.06 23.96 9.10
CA LEU A 136 -3.73 24.99 9.92
C LEU A 136 -3.40 24.86 11.42
N LYS A 137 -2.86 23.70 11.85
CA LYS A 137 -2.45 23.41 13.25
C LYS A 137 -3.57 23.81 14.22
N MET A 138 -4.76 23.27 14.00
CA MET A 138 -5.95 23.63 14.77
C MET A 138 -5.92 23.05 16.16
N THR A 139 -6.47 23.79 17.13
CA THR A 139 -6.56 23.33 18.51
C THR A 139 -7.86 22.52 18.61
N GLN A 140 -8.03 21.79 19.73
CA GLN A 140 -9.26 21.02 19.99
C GLN A 140 -10.52 21.93 19.99
N GLU A 141 -10.38 23.16 20.52
CA GLU A 141 -11.45 24.18 20.57
C GLU A 141 -11.89 24.55 19.17
N GLU A 142 -10.93 24.72 18.25
CA GLU A 142 -11.21 25.07 16.86
C GLU A 142 -11.95 23.94 16.13
N TYR A 143 -11.54 22.68 16.36
CA TYR A 143 -12.23 21.54 15.75
C TYR A 143 -13.68 21.46 16.28
N ALA A 144 -13.88 21.63 17.60
CA ALA A 144 -15.19 21.57 18.24
C ALA A 144 -16.13 22.66 17.73
N LEU A 145 -15.63 23.91 17.67
CA LEU A 145 -16.42 25.04 17.18
C LEU A 145 -16.71 24.90 15.70
N LEU A 146 -15.72 24.46 14.90
CA LEU A 146 -15.96 24.28 13.46
CA LEU A 146 -15.96 24.28 13.47
C LEU A 146 -17.01 23.21 13.22
N THR A 147 -17.04 22.15 14.06
CA THR A 147 -18.03 21.08 13.93
C THR A 147 -19.44 21.62 14.21
N ALA A 148 -19.60 22.44 15.28
CA ALA A 148 -20.87 23.07 15.65
C ALA A 148 -21.37 23.99 14.52
N ILE A 149 -20.46 24.75 13.90
CA ILE A 149 -20.74 25.68 12.80
C ILE A 149 -21.23 24.91 11.55
N VAL A 150 -20.61 23.75 11.28
CA VAL A 150 -20.97 22.87 10.16
C VAL A 150 -22.39 22.32 10.39
N ILE A 151 -22.69 21.85 11.62
CA ILE A 151 -24.01 21.32 11.99
C ILE A 151 -25.08 22.41 11.87
N LEU A 152 -24.79 23.61 12.41
CA LEU A 152 -25.75 24.71 12.39
C LEU A 152 -25.64 25.56 11.12
N SER A 153 -25.56 24.92 9.94
CA SER A 153 -25.51 25.61 8.65
C SER A 153 -26.92 26.02 8.21
N PRO A 154 -27.20 27.34 8.11
CA PRO A 154 -28.57 27.76 7.72
C PRO A 154 -28.98 27.40 6.30
N ASP A 155 -28.01 27.40 5.36
CA ASP A 155 -28.24 27.12 3.94
C ASP A 155 -28.27 25.63 3.58
N ARG A 156 -28.61 24.78 4.55
CA ARG A 156 -28.76 23.33 4.32
C ARG A 156 -30.06 23.10 3.54
N GLN A 157 -30.10 22.05 2.70
CA GLN A 157 -31.29 21.72 1.91
C GLN A 157 -32.44 21.28 2.80
N TYR A 158 -33.67 21.76 2.47
CA TYR A 158 -34.97 21.48 3.11
C TYR A 158 -35.22 22.27 4.41
N ILE A 159 -34.32 23.23 4.75
CA ILE A 159 -34.50 24.08 5.94
C ILE A 159 -35.63 25.08 5.68
N LYS A 160 -36.66 25.06 6.56
CA LYS A 160 -37.82 25.93 6.45
CA LYS A 160 -37.82 25.93 6.45
C LYS A 160 -37.55 27.31 7.06
N ASP A 161 -36.93 27.35 8.26
CA ASP A 161 -36.62 28.60 8.95
C ASP A 161 -35.10 28.78 9.13
N ARG A 162 -34.48 29.41 8.12
CA ARG A 162 -33.05 29.68 8.06
C ARG A 162 -32.60 30.69 9.10
N GLU A 163 -33.44 31.71 9.38
CA GLU A 163 -33.15 32.78 10.34
C GLU A 163 -32.97 32.21 11.74
N ALA A 164 -33.79 31.22 12.12
CA ALA A 164 -33.69 30.55 13.42
C ALA A 164 -32.31 29.84 13.53
N VAL A 165 -31.85 29.19 12.44
CA VAL A 165 -30.55 28.49 12.39
C VAL A 165 -29.41 29.53 12.43
N GLU A 166 -29.52 30.62 11.63
CA GLU A 166 -28.54 31.73 11.58
C GLU A 166 -28.25 32.25 12.97
N LYS A 167 -29.32 32.53 13.75
CA LYS A 167 -29.25 33.04 15.12
C LYS A 167 -28.44 32.14 16.05
N LEU A 168 -28.47 30.81 15.82
CA LEU A 168 -27.75 29.86 16.65
C LEU A 168 -26.30 29.72 16.21
N GLN A 169 -26.02 29.85 14.89
CA GLN A 169 -24.68 29.72 14.34
C GLN A 169 -23.78 30.94 14.63
N GLU A 170 -24.37 32.16 14.56
CA GLU A 170 -23.67 33.42 14.74
C GLU A 170 -22.83 33.51 16.04
N PRO A 171 -23.33 33.22 17.27
CA PRO A 171 -22.45 33.30 18.45
C PRO A 171 -21.26 32.34 18.39
N LEU A 172 -21.40 31.18 17.71
CA LEU A 172 -20.32 30.22 17.56
C LEU A 172 -19.25 30.77 16.61
N LEU A 173 -19.69 31.39 15.50
CA LEU A 173 -18.78 32.01 14.52
C LEU A 173 -17.99 33.13 15.21
N ASP A 174 -18.68 33.91 16.06
CA ASP A 174 -18.08 35.02 16.80
C ASP A 174 -16.98 34.55 17.75
N VAL A 175 -17.23 33.45 18.50
CA VAL A 175 -16.25 32.88 19.43
C VAL A 175 -15.03 32.39 18.66
N LEU A 176 -15.27 31.64 17.57
CA LEU A 176 -14.20 31.10 16.73
C LEU A 176 -13.29 32.21 16.19
N GLN A 177 -13.91 33.29 15.68
CA GLN A 177 -13.16 34.44 15.13
C GLN A 177 -12.28 35.08 16.19
N LYS A 178 -12.80 35.23 17.42
CA LYS A 178 -12.04 35.82 18.53
C LYS A 178 -10.83 34.96 18.88
N LEU A 179 -11.02 33.61 18.94
CA LEU A 179 -9.93 32.68 19.25
C LEU A 179 -8.80 32.78 18.22
N CYS A 180 -9.16 32.90 16.92
CA CYS A 180 -8.21 33.02 15.82
C CYS A 180 -7.41 34.33 15.96
N LYS A 181 -8.08 35.45 16.34
CA LYS A 181 -7.42 36.75 16.53
C LYS A 181 -6.49 36.73 17.76
N ILE A 182 -6.93 36.09 18.87
CA ILE A 182 -6.16 36.03 20.12
C ILE A 182 -4.93 35.11 20.00
N HIS A 183 -5.12 33.87 19.50
CA HIS A 183 -4.05 32.87 19.47
C HIS A 183 -3.21 32.87 18.18
N GLN A 184 -3.64 33.58 17.13
CA GLN A 184 -2.88 33.64 15.89
C GLN A 184 -2.85 35.05 15.24
N PRO A 185 -2.37 36.12 15.93
CA PRO A 185 -2.31 37.43 15.26
C PRO A 185 -1.38 37.45 14.04
N GLU A 186 -0.39 36.52 14.02
CA GLU A 186 0.58 36.36 12.94
C GLU A 186 -0.04 35.76 11.66
N ASN A 187 -1.20 35.09 11.77
CA ASN A 187 -1.93 34.50 10.64
C ASN A 187 -3.29 35.22 10.52
N PRO A 188 -3.31 36.45 9.92
CA PRO A 188 -4.57 37.22 9.85
C PRO A 188 -5.70 36.60 9.05
N GLN A 189 -5.41 35.53 8.29
CA GLN A 189 -6.44 34.87 7.51
C GLN A 189 -6.85 33.53 8.10
N HIS A 190 -6.38 33.19 9.32
CA HIS A 190 -6.66 31.91 9.98
C HIS A 190 -8.16 31.58 10.04
N PHE A 191 -8.98 32.54 10.49
CA PHE A 191 -10.44 32.36 10.56
C PHE A 191 -11.03 32.06 9.19
N ALA A 192 -10.66 32.89 8.19
CA ALA A 192 -11.12 32.74 6.80
C ALA A 192 -10.70 31.39 6.23
N CYS A 193 -9.47 30.94 6.49
CA CYS A 193 -9.02 29.65 5.99
C CYS A 193 -9.80 28.48 6.59
N LEU A 194 -10.16 28.56 7.89
CA LEU A 194 -10.97 27.52 8.55
C LEU A 194 -12.33 27.43 7.85
N LEU A 195 -12.96 28.59 7.59
CA LEU A 195 -14.25 28.64 6.91
C LEU A 195 -14.14 28.22 5.45
N GLY A 196 -13.04 28.56 4.78
CA GLY A 196 -12.79 28.19 3.40
C GLY A 196 -12.63 26.69 3.24
N ARG A 197 -12.14 26.01 4.29
CA ARG A 197 -11.97 24.56 4.33
C ARG A 197 -13.31 23.82 4.27
N LEU A 198 -14.40 24.47 4.73
CA LEU A 198 -15.77 23.92 4.73
C LEU A 198 -16.33 23.65 3.33
N THR A 199 -15.82 24.34 2.30
CA THR A 199 -16.25 24.12 0.92
C THR A 199 -15.80 22.73 0.44
N GLU A 200 -14.57 22.29 0.81
CA GLU A 200 -14.06 20.95 0.50
C GLU A 200 -14.86 19.87 1.20
N LEU A 201 -15.31 20.14 2.44
CA LEU A 201 -16.15 19.24 3.20
C LEU A 201 -17.46 19.00 2.47
N ARG A 202 -18.05 20.09 1.90
CA ARG A 202 -19.30 20.00 1.14
C ARG A 202 -19.15 19.14 -0.11
N THR A 203 -17.96 19.15 -0.75
CA THR A 203 -17.70 18.32 -1.94
C THR A 203 -17.71 16.83 -1.58
N PHE A 204 -17.14 16.46 -0.41
CA PHE A 204 -17.17 15.07 0.10
C PHE A 204 -18.60 14.62 0.34
N ASN A 205 -19.43 15.51 0.91
CA ASN A 205 -20.82 15.22 1.14
C ASN A 205 -21.53 14.98 -0.20
N HIS A 206 -21.27 15.83 -1.21
CA HIS A 206 -21.87 15.69 -2.54
CA HIS A 206 -21.84 15.70 -2.56
C HIS A 206 -21.57 14.32 -3.20
N HIS A 207 -20.35 13.76 -2.99
CA HIS A 207 -20.00 12.45 -3.58
C HIS A 207 -19.87 11.29 -2.60
N HIS A 208 -20.35 11.44 -1.36
CA HIS A 208 -20.21 10.41 -0.32
C HIS A 208 -20.69 9.00 -0.77
N ALA A 209 -21.88 8.91 -1.43
CA ALA A 209 -22.44 7.63 -1.90
C ALA A 209 -21.52 6.91 -2.89
N GLU A 210 -20.97 7.65 -3.87
CA GLU A 210 -20.08 7.12 -4.89
C GLU A 210 -18.77 6.63 -4.25
N MET A 211 -18.26 7.40 -3.26
CA MET A 211 -17.03 7.07 -2.53
CA MET A 211 -17.03 7.05 -2.56
C MET A 211 -17.23 5.73 -1.79
N LEU A 212 -18.38 5.58 -1.11
CA LEU A 212 -18.68 4.35 -0.36
C LEU A 212 -18.89 3.15 -1.29
N MET A 213 -19.68 3.33 -2.36
CA MET A 213 -19.97 2.25 -3.32
C MET A 213 -18.76 1.82 -4.16
N SER A 214 -17.71 2.67 -4.24
CA SER A 214 -16.51 2.34 -5.00
C SER A 214 -15.46 1.56 -4.16
N TRP A 215 -15.74 1.33 -2.85
CA TRP A 215 -14.85 0.55 -1.98
CA TRP A 215 -14.87 0.55 -1.97
C TRP A 215 -14.68 -0.85 -2.59
N ARG A 216 -13.43 -1.35 -2.63
CA ARG A 216 -13.07 -2.65 -3.23
C ARG A 216 -13.52 -3.86 -2.38
N VAL A 217 -14.85 -3.97 -2.22
CA VAL A 217 -15.52 -5.06 -1.49
C VAL A 217 -16.63 -5.63 -2.38
N ASN A 218 -16.99 -6.91 -2.16
CA ASN A 218 -18.02 -7.60 -2.94
C ASN A 218 -19.43 -7.18 -2.52
N ASP A 219 -19.62 -6.81 -1.24
CA ASP A 219 -20.90 -6.38 -0.70
C ASP A 219 -20.71 -5.16 0.18
N HIS A 220 -21.56 -4.15 -0.01
CA HIS A 220 -21.50 -2.90 0.75
C HIS A 220 -22.68 -2.89 1.72
N LYS A 221 -22.47 -3.52 2.89
CA LYS A 221 -23.47 -3.62 3.96
CA LYS A 221 -23.49 -3.60 3.93
C LYS A 221 -23.40 -2.42 4.90
N PHE A 222 -24.51 -1.72 5.06
CA PHE A 222 -24.62 -0.56 5.93
C PHE A 222 -25.56 -0.85 7.10
N THR A 223 -25.32 -0.20 8.26
CA THR A 223 -26.19 -0.35 9.44
C THR A 223 -27.48 0.44 9.17
N PRO A 224 -28.65 0.07 9.76
CA PRO A 224 -29.88 0.85 9.50
C PRO A 224 -29.74 2.36 9.79
N LEU A 225 -28.94 2.74 10.81
CA LEU A 225 -28.71 4.15 11.15
C LEU A 225 -27.96 4.86 10.02
N LEU A 226 -26.93 4.21 9.43
CA LEU A 226 -26.17 4.79 8.32
C LEU A 226 -27.01 4.94 7.05
N CYS A 227 -27.94 3.98 6.82
CA CYS A 227 -28.86 4.05 5.67
C CYS A 227 -29.72 5.31 5.75
N GLU A 228 -30.11 5.71 6.97
CA GLU A 228 -30.92 6.92 7.19
C GLU A 228 -30.12 8.20 7.00
N ILE A 229 -28.91 8.25 7.57
CA ILE A 229 -28.10 9.46 7.54
C ILE A 229 -27.35 9.66 6.21
N TRP A 230 -26.96 8.56 5.53
CA TRP A 230 -26.23 8.56 4.24
C TRP A 230 -27.14 8.20 3.05
N ASP A 231 -26.76 8.52 1.80
CA ASP A 231 -27.59 8.19 0.63
C ASP A 231 -27.25 6.80 0.03
N VAL A 232 -27.39 5.74 0.87
CA VAL A 232 -27.06 4.35 0.50
C VAL A 232 -28.23 3.36 0.70
N GLN A 233 -28.20 2.25 -0.08
CA GLN A 233 -29.16 1.13 -0.09
C GLN A 233 -30.57 1.56 -0.51
N ASP B 2 -38.10 8.27 4.82
CA ASP B 2 -38.34 7.94 6.22
C ASP B 2 -37.03 7.92 7.02
N HIS B 3 -37.01 8.61 8.19
CA HIS B 3 -35.86 8.72 9.07
C HIS B 3 -36.27 8.51 10.55
N GLN B 4 -36.84 7.33 10.85
CA GLN B 4 -37.33 6.98 12.19
C GLN B 4 -36.25 6.84 13.25
N LEU B 5 -35.07 6.31 12.90
CA LEU B 5 -33.98 6.15 13.87
C LEU B 5 -33.43 7.50 14.32
N LEU B 6 -33.27 8.43 13.36
CA LEU B 6 -32.80 9.79 13.63
C LEU B 6 -33.79 10.53 14.49
N ARG B 7 -35.10 10.44 14.14
CA ARG B 7 -36.19 11.05 14.89
C ARG B 7 -36.21 10.53 16.32
N TYR B 8 -36.01 9.21 16.52
CA TYR B 8 -35.98 8.58 17.83
C TYR B 8 -34.83 9.13 18.68
N LEU B 9 -33.61 9.13 18.11
CA LEU B 9 -32.41 9.63 18.79
C LEU B 9 -32.55 11.11 19.19
N LEU B 10 -33.24 11.92 18.36
CA LEU B 10 -33.47 13.33 18.63
C LEU B 10 -34.52 13.56 19.71
N ASP B 11 -35.62 12.79 19.68
CA ASP B 11 -36.74 12.95 20.60
C ASP B 11 -36.60 12.24 21.96
N LYS B 12 -35.69 11.24 22.08
CA LYS B 12 -35.50 10.51 23.34
C LYS B 12 -34.96 11.43 24.46
N ASP B 13 -35.19 11.04 25.75
CA ASP B 13 -34.84 11.78 26.98
C ASP B 13 -35.53 13.13 27.07
N GLY C 1 -7.36 -1.02 -14.50
CA GLY C 1 -8.08 -0.11 -13.61
C GLY C 1 -7.23 0.38 -12.46
N SER C 2 -7.66 0.03 -11.22
CA SER C 2 -7.02 0.38 -9.94
C SER C 2 -5.53 0.04 -9.92
N HIS C 3 -4.70 0.98 -9.42
CA HIS C 3 -3.26 0.75 -9.33
CA HIS C 3 -3.24 0.81 -9.29
C HIS C 3 -2.92 -0.12 -8.10
N MET C 4 -3.95 -0.45 -7.30
CA MET C 4 -3.87 -1.30 -6.11
C MET C 4 -4.45 -2.71 -6.29
N GLU C 5 -4.96 -3.03 -7.50
CA GLU C 5 -5.47 -4.37 -7.73
C GLU C 5 -5.16 -4.84 -9.15
N LEU C 6 -4.79 -6.14 -9.30
CA LEU C 6 -4.51 -6.69 -10.62
C LEU C 6 -5.79 -6.74 -11.44
N THR C 7 -5.69 -6.50 -12.75
CA THR C 7 -6.84 -6.60 -13.64
C THR C 7 -7.00 -8.11 -13.95
N PRO C 8 -8.18 -8.59 -14.44
CA PRO C 8 -8.31 -10.02 -14.78
C PRO C 8 -7.21 -10.52 -15.75
N ASP C 9 -6.83 -9.69 -16.76
CA ASP C 9 -5.77 -10.02 -17.73
C ASP C 9 -4.41 -10.16 -17.06
N GLN C 10 -4.09 -9.27 -16.08
CA GLN C 10 -2.83 -9.31 -15.32
C GLN C 10 -2.79 -10.54 -14.42
N GLN C 11 -3.94 -10.91 -13.82
CA GLN C 11 -4.09 -12.09 -12.98
C GLN C 11 -3.84 -13.35 -13.82
N THR C 12 -4.35 -13.36 -15.06
CA THR C 12 -4.18 -14.43 -16.06
C THR C 12 -2.70 -14.56 -16.46
N LEU C 13 -2.05 -13.43 -16.79
CA LEU C 13 -0.62 -13.37 -17.12
C LEU C 13 0.20 -13.95 -15.95
N LEU C 14 -0.13 -13.57 -14.71
CA LEU C 14 0.56 -14.04 -13.50
C LEU C 14 0.47 -15.56 -13.30
N HIS C 15 -0.75 -16.15 -13.36
CA HIS C 15 -0.95 -17.61 -13.21
C HIS C 15 -0.16 -18.36 -14.25
N PHE C 16 -0.13 -17.83 -15.49
CA PHE C 16 0.62 -18.42 -16.59
C PHE C 16 2.13 -18.41 -16.32
N ILE C 17 2.69 -17.25 -15.87
CA ILE C 17 4.11 -17.09 -15.50
C ILE C 17 4.46 -18.07 -14.35
N MET C 18 3.58 -18.13 -13.33
CA MET C 18 3.74 -18.98 -12.15
C MET C 18 3.82 -20.45 -12.48
N ASP C 19 2.89 -20.92 -13.35
CA ASP C 19 2.91 -22.31 -13.78
C ASP C 19 4.28 -22.61 -14.39
N SER C 20 4.80 -21.70 -15.24
CA SER C 20 6.09 -21.86 -15.89
C SER C 20 7.25 -21.78 -14.87
N TYR C 21 7.19 -20.84 -13.91
CA TYR C 21 8.20 -20.67 -12.86
C TYR C 21 8.30 -21.89 -11.94
N ASN C 22 7.15 -22.52 -11.64
CA ASN C 22 7.04 -23.68 -10.74
C ASN C 22 7.53 -25.03 -11.35
N LYS C 23 8.04 -25.00 -12.59
CA LYS C 23 8.60 -26.19 -13.25
C LYS C 23 10.06 -26.37 -12.80
N GLN C 24 10.61 -25.37 -12.08
CA GLN C 24 11.98 -25.39 -11.59
C GLN C 24 12.13 -26.45 -10.51
N ARG C 25 13.37 -26.96 -10.35
CA ARG C 25 13.67 -27.95 -9.32
C ARG C 25 13.26 -27.39 -7.96
N MET C 26 12.51 -28.19 -7.19
CA MET C 26 11.97 -27.86 -5.87
C MET C 26 13.08 -27.37 -4.93
N PRO C 27 12.92 -26.24 -4.19
CA PRO C 27 13.99 -25.79 -3.27
C PRO C 27 14.38 -26.85 -2.24
N GLN C 28 13.40 -27.61 -1.71
CA GLN C 28 13.63 -28.69 -0.72
C GLN C 28 14.52 -29.82 -1.26
N GLU C 29 14.43 -30.12 -2.58
CA GLU C 29 15.26 -31.14 -3.25
C GLU C 29 16.73 -30.73 -3.19
N ILE C 30 17.00 -29.43 -3.42
CA ILE C 30 18.33 -28.85 -3.42
C ILE C 30 18.90 -28.78 -1.99
N THR C 31 18.14 -28.22 -1.03
CA THR C 31 18.58 -28.07 0.36
C THR C 31 18.74 -29.41 1.07
N ASN C 32 17.86 -30.41 0.78
CA ASN C 32 17.99 -31.74 1.41
C ASN C 32 19.35 -32.37 1.09
N LYS C 33 19.77 -32.28 -0.19
CA LYS C 33 21.03 -32.81 -0.69
C LYS C 33 22.22 -32.12 0.01
N ILE C 34 22.21 -30.77 0.09
CA ILE C 34 23.26 -29.97 0.71
C ILE C 34 23.33 -30.21 2.23
N LEU C 35 22.18 -30.25 2.92
CA LEU C 35 22.13 -30.47 4.37
C LEU C 35 22.49 -31.89 4.80
N LYS C 36 22.15 -32.91 3.99
CA LYS C 36 22.37 -34.33 4.26
C LYS C 36 23.79 -34.66 4.72
N GLU C 37 24.80 -34.29 3.92
CA GLU C 37 26.20 -34.56 4.24
C GLU C 37 27.12 -33.52 3.63
N ALA C 38 28.34 -33.40 4.17
CA ALA C 38 29.36 -32.48 3.68
C ALA C 38 30.04 -33.12 2.47
N PHE C 39 30.24 -32.36 1.41
CA PHE C 39 30.93 -32.85 0.22
C PHE C 39 32.24 -32.08 0.05
N SER C 40 33.20 -32.65 -0.68
CA SER C 40 34.47 -32.00 -0.97
C SER C 40 34.19 -30.87 -1.98
N ALA C 41 35.16 -29.97 -2.20
CA ALA C 41 35.04 -28.88 -3.18
C ALA C 41 34.83 -29.46 -4.57
N GLU C 42 35.52 -30.58 -4.89
CA GLU C 42 35.42 -31.30 -6.17
C GLU C 42 34.00 -31.77 -6.43
N GLU C 43 33.38 -32.45 -5.42
CA GLU C 43 32.00 -32.95 -5.51
C GLU C 43 31.00 -31.81 -5.64
N ASN C 44 31.24 -30.70 -4.89
CA ASN C 44 30.38 -29.51 -4.91
C ASN C 44 30.38 -28.82 -6.27
N PHE C 45 31.55 -28.77 -6.95
CA PHE C 45 31.64 -28.16 -8.28
C PHE C 45 30.79 -28.94 -9.27
N LEU C 46 30.80 -30.28 -9.19
CA LEU C 46 29.97 -31.14 -10.05
C LEU C 46 28.48 -30.92 -9.72
N ILE C 47 28.13 -30.83 -8.42
CA ILE C 47 26.76 -30.54 -7.99
C ILE C 47 26.31 -29.20 -8.60
N LEU C 48 27.15 -28.15 -8.49
CA LEU C 48 26.85 -26.83 -9.06
C LEU C 48 26.59 -26.89 -10.58
N THR C 49 27.48 -27.55 -11.35
CA THR C 49 27.31 -27.66 -12.81
C THR C 49 26.05 -28.43 -13.17
N GLU C 50 25.72 -29.50 -12.44
CA GLU C 50 24.49 -30.25 -12.72
C GLU C 50 23.23 -29.43 -12.37
N MET C 51 23.23 -28.72 -11.22
CA MET C 51 22.13 -27.83 -10.80
C MET C 51 21.95 -26.69 -11.81
N ALA C 52 23.06 -26.05 -12.23
CA ALA C 52 23.04 -24.92 -13.17
C ALA C 52 22.59 -25.31 -14.57
N THR C 53 22.93 -26.54 -15.03
CA THR C 53 22.54 -27.07 -16.34
C THR C 53 21.02 -27.27 -16.36
N ASN C 54 20.46 -27.90 -15.31
CA ASN C 54 19.02 -28.11 -15.17
C ASN C 54 18.30 -26.74 -15.11
N HIS C 55 18.87 -25.77 -14.34
CA HIS C 55 18.31 -24.42 -14.20
C HIS C 55 18.22 -23.73 -15.57
N VAL C 56 19.28 -23.79 -16.39
CA VAL C 56 19.29 -23.17 -17.73
C VAL C 56 18.20 -23.78 -18.62
N GLN C 57 18.05 -25.12 -18.59
CA GLN C 57 17.04 -25.83 -19.38
C GLN C 57 15.65 -25.30 -19.06
N VAL C 58 15.30 -25.24 -17.77
CA VAL C 58 14.01 -24.77 -17.30
C VAL C 58 13.84 -23.26 -17.57
N LEU C 59 14.95 -22.49 -17.47
CA LEU C 59 14.96 -21.05 -17.73
C LEU C 59 14.60 -20.74 -19.19
N VAL C 60 15.13 -21.52 -20.15
CA VAL C 60 14.83 -21.33 -21.57
C VAL C 60 13.33 -21.58 -21.81
N GLU C 61 12.77 -22.62 -21.17
CA GLU C 61 11.35 -22.97 -21.27
C GLU C 61 10.48 -21.83 -20.70
N PHE C 62 10.91 -21.25 -19.56
CA PHE C 62 10.22 -20.13 -18.92
C PHE C 62 10.25 -18.91 -19.84
N THR C 63 11.44 -18.63 -20.40
CA THR C 63 11.69 -17.50 -21.30
C THR C 63 10.82 -17.57 -22.57
N LYS C 64 10.79 -18.71 -23.28
CA LYS C 64 10.01 -18.83 -24.51
C LYS C 64 8.49 -18.66 -24.27
N LYS C 65 8.05 -18.83 -23.01
CA LYS C 65 6.64 -18.67 -22.61
C LYS C 65 6.29 -17.24 -22.23
N LEU C 66 7.29 -16.33 -22.04
CA LEU C 66 7.02 -14.93 -21.71
C LEU C 66 6.31 -14.26 -22.89
N PRO C 67 5.20 -13.51 -22.66
CA PRO C 67 4.46 -12.90 -23.78
C PRO C 67 5.31 -12.05 -24.72
N GLY C 68 5.25 -12.41 -26.01
CA GLY C 68 5.97 -11.74 -27.08
C GLY C 68 7.43 -12.14 -27.29
N PHE C 69 8.03 -12.94 -26.38
CA PHE C 69 9.44 -13.33 -26.54
C PHE C 69 9.73 -13.99 -27.88
N GLN C 70 8.85 -14.90 -28.33
CA GLN C 70 9.05 -15.65 -29.57
C GLN C 70 8.86 -14.79 -30.83
N THR C 71 8.31 -13.56 -30.69
CA THR C 71 8.16 -12.61 -31.80
C THR C 71 9.43 -11.75 -31.96
N LEU C 72 10.36 -11.80 -30.98
CA LEU C 72 11.60 -11.03 -31.03
C LEU C 72 12.56 -11.58 -32.07
N ASP C 73 13.48 -10.73 -32.58
CA ASP C 73 14.54 -11.10 -33.52
C ASP C 73 15.36 -12.24 -32.88
N HIS C 74 15.72 -13.27 -33.67
CA HIS C 74 16.44 -14.45 -33.17
C HIS C 74 17.78 -14.15 -32.51
N GLU C 75 18.57 -13.20 -33.04
CA GLU C 75 19.86 -12.84 -32.43
C GLU C 75 19.63 -12.14 -31.09
N ASP C 76 18.59 -11.29 -31.01
CA ASP C 76 18.23 -10.59 -29.77
C ASP C 76 17.77 -11.59 -28.70
N GLN C 77 17.05 -12.67 -29.10
CA GLN C 77 16.62 -13.73 -28.19
C GLN C 77 17.81 -14.37 -27.49
N ILE C 78 18.87 -14.72 -28.27
CA ILE C 78 20.11 -15.33 -27.78
C ILE C 78 20.84 -14.37 -26.83
N ALA C 79 20.94 -13.08 -27.22
CA ALA C 79 21.58 -12.05 -26.40
C ALA C 79 20.87 -11.88 -25.04
N LEU C 80 19.52 -11.99 -25.02
CA LEU C 80 18.74 -11.87 -23.77
C LEU C 80 19.00 -13.08 -22.85
N LEU C 81 19.07 -14.29 -23.41
CA LEU C 81 19.32 -15.51 -22.64
C LEU C 81 20.71 -15.49 -22.03
N LYS C 82 21.73 -15.17 -22.86
CA LYS C 82 23.13 -15.07 -22.44
C LYS C 82 23.35 -13.95 -21.41
N GLY C 83 22.67 -12.83 -21.59
CA GLY C 83 22.79 -11.69 -20.68
C GLY C 83 22.12 -11.88 -19.33
N SER C 84 21.18 -12.83 -19.22
CA SER C 84 20.42 -13.00 -17.99
C SER C 84 20.61 -14.31 -17.23
N ALA C 85 21.12 -15.37 -17.86
CA ALA C 85 21.20 -16.69 -17.22
C ALA C 85 21.85 -16.71 -15.83
N VAL C 86 23.02 -16.06 -15.69
CA VAL C 86 23.76 -16.01 -14.43
C VAL C 86 22.96 -15.22 -13.39
N GLU C 87 22.37 -14.08 -13.80
CA GLU C 87 21.55 -13.24 -12.92
C GLU C 87 20.34 -14.02 -12.40
N ALA C 88 19.61 -14.73 -13.29
CA ALA C 88 18.45 -15.54 -12.88
C ALA C 88 18.87 -16.68 -11.97
N MET C 89 20.07 -17.25 -12.21
CA MET C 89 20.60 -18.32 -11.39
C MET C 89 20.88 -17.84 -9.95
N PHE C 90 21.50 -16.64 -9.79
CA PHE C 90 21.76 -16.07 -8.47
C PHE C 90 20.49 -15.66 -7.75
N LEU C 91 19.49 -15.16 -8.48
CA LEU C 91 18.20 -14.80 -7.90
C LEU C 91 17.47 -16.07 -7.38
N ARG C 92 17.50 -17.17 -8.17
CA ARG C 92 16.91 -18.44 -7.76
C ARG C 92 17.65 -18.99 -6.52
N SER C 93 18.99 -18.88 -6.51
CA SER C 93 19.80 -19.33 -5.37
C SER C 93 19.41 -18.53 -4.11
N ALA C 94 19.21 -17.20 -4.25
CA ALA C 94 18.79 -16.31 -3.15
C ALA C 94 17.42 -16.72 -2.63
N GLU C 95 16.49 -17.03 -3.57
CA GLU C 95 15.15 -17.50 -3.20
C GLU C 95 15.25 -18.78 -2.37
N ILE C 96 16.03 -19.77 -2.85
CA ILE C 96 16.20 -21.05 -2.13
C ILE C 96 16.83 -20.83 -0.76
N PHE C 97 17.89 -20.00 -0.70
CA PHE C 97 18.62 -19.71 0.55
C PHE C 97 17.70 -19.17 1.65
N ASN C 98 16.71 -18.37 1.24
CA ASN C 98 15.80 -17.70 2.14
C ASN C 98 14.51 -18.47 2.45
N LYS C 99 14.31 -19.65 1.83
CA LYS C 99 13.15 -20.49 2.09
C LYS C 99 13.19 -21.00 3.53
N LYS C 100 12.05 -20.91 4.24
CA LYS C 100 11.90 -21.36 5.64
C LYS C 100 12.24 -22.84 5.80
N LEU C 101 13.07 -23.15 6.79
CA LEU C 101 13.51 -24.51 7.10
C LEU C 101 13.37 -24.78 8.62
N PRO C 102 13.40 -26.07 9.09
CA PRO C 102 13.33 -26.32 10.55
C PRO C 102 14.49 -25.65 11.30
N SER C 103 14.32 -25.45 12.63
CA SER C 103 15.30 -24.81 13.52
C SER C 103 16.73 -25.36 13.35
N GLY C 104 17.68 -24.45 13.12
CA GLY C 104 19.09 -24.77 12.93
C GLY C 104 19.53 -25.12 11.51
N HIS C 105 18.57 -25.50 10.63
CA HIS C 105 18.85 -25.91 9.26
C HIS C 105 19.42 -24.80 8.38
N SER C 106 18.92 -23.55 8.53
CA SER C 106 19.40 -22.41 7.75
C SER C 106 20.86 -22.07 8.07
N ASP C 107 21.28 -22.23 9.35
CA ASP C 107 22.66 -21.99 9.77
C ASP C 107 23.59 -23.02 9.13
N LEU C 108 23.17 -24.30 9.11
CA LEU C 108 23.96 -25.37 8.50
C LEU C 108 24.05 -25.18 6.99
N LEU C 109 22.94 -24.75 6.33
CA LEU C 109 22.91 -24.50 4.89
C LEU C 109 23.94 -23.42 4.52
N GLU C 110 23.96 -22.32 5.28
CA GLU C 110 24.88 -21.22 5.08
C GLU C 110 26.33 -21.72 5.28
N ALA C 111 26.58 -22.50 6.35
CA ALA C 111 27.91 -23.05 6.63
C ALA C 111 28.39 -23.96 5.49
N ARG C 112 27.47 -24.78 4.93
CA ARG C 112 27.77 -25.69 3.83
C ARG C 112 28.13 -24.91 2.55
N ILE C 113 27.40 -23.82 2.25
CA ILE C 113 27.70 -22.98 1.07
C ILE C 113 29.03 -22.25 1.26
N ARG C 114 29.31 -21.77 2.49
CA ARG C 114 30.57 -21.07 2.84
CA ARG C 114 30.55 -21.07 2.79
C ARG C 114 31.79 -21.94 2.52
N ASN C 115 31.69 -23.25 2.81
CA ASN C 115 32.79 -24.19 2.60
C ASN C 115 32.64 -25.03 1.32
N SER C 116 31.83 -24.56 0.37
CA SER C 116 31.57 -25.30 -0.87
C SER C 116 32.76 -25.40 -1.84
N GLY C 117 33.67 -24.44 -1.83
CA GLY C 117 34.83 -24.43 -2.71
C GLY C 117 35.05 -23.07 -3.36
N ILE C 118 34.02 -22.21 -3.34
CA ILE C 118 34.11 -20.85 -3.87
C ILE C 118 35.17 -20.06 -3.06
N SER C 119 35.91 -19.19 -3.75
CA SER C 119 36.94 -18.35 -3.16
C SER C 119 36.30 -17.43 -2.11
N ASP C 120 37.02 -17.16 -1.00
CA ASP C 120 36.49 -16.33 0.09
C ASP C 120 36.19 -14.89 -0.34
N GLU C 121 36.83 -14.42 -1.43
CA GLU C 121 36.65 -13.10 -2.05
C GLU C 121 35.20 -12.92 -2.56
N TYR C 122 34.55 -14.02 -2.98
CA TYR C 122 33.21 -13.96 -3.54
C TYR C 122 32.09 -14.37 -2.57
N ILE C 123 32.42 -14.99 -1.42
CA ILE C 123 31.45 -15.42 -0.42
C ILE C 123 30.74 -14.22 0.23
N THR C 124 31.50 -13.19 0.66
CA THR C 124 31.00 -11.98 1.31
C THR C 124 29.94 -11.28 0.42
N PRO C 125 30.20 -10.90 -0.86
CA PRO C 125 29.14 -10.25 -1.65
C PRO C 125 27.94 -11.16 -1.94
N MET C 126 28.17 -12.49 -2.06
CA MET C 126 27.11 -13.46 -2.30
CA MET C 126 27.12 -13.48 -2.31
C MET C 126 26.15 -13.51 -1.12
N PHE C 127 26.71 -13.69 0.10
CA PHE C 127 25.90 -13.74 1.31
C PHE C 127 25.27 -12.41 1.66
N SER C 128 25.95 -11.29 1.35
CA SER C 128 25.38 -9.96 1.55
C SER C 128 24.12 -9.85 0.68
N PHE C 129 24.21 -10.28 -0.60
CA PHE C 129 23.08 -10.28 -1.53
C PHE C 129 21.95 -11.19 -1.02
N TYR C 130 22.27 -12.43 -0.61
CA TYR C 130 21.27 -13.38 -0.12
C TYR C 130 20.49 -12.84 1.09
N LYS C 131 21.21 -12.25 2.06
CA LYS C 131 20.60 -11.70 3.28
C LYS C 131 19.73 -10.49 2.97
N SER C 132 20.18 -9.62 2.04
CA SER C 132 19.41 -8.42 1.66
CA SER C 132 19.43 -8.42 1.63
C SER C 132 18.11 -8.83 0.96
N ILE C 133 18.16 -9.89 0.13
CA ILE C 133 16.99 -10.44 -0.58
C ILE C 133 16.02 -10.98 0.46
N GLY C 134 16.55 -11.73 1.44
CA GLY C 134 15.77 -12.30 2.53
C GLY C 134 14.98 -11.26 3.30
N GLU C 135 15.63 -10.13 3.62
CA GLU C 135 15.02 -9.00 4.33
C GLU C 135 13.81 -8.39 3.60
N LEU C 136 13.79 -8.46 2.26
CA LEU C 136 12.68 -7.96 1.43
C LEU C 136 11.42 -8.83 1.55
N LYS C 137 11.55 -10.07 2.08
CA LYS C 137 10.44 -11.02 2.31
C LYS C 137 9.55 -11.12 1.06
N MET C 138 10.18 -11.42 -0.08
CA MET C 138 9.49 -11.51 -1.36
C MET C 138 8.61 -12.75 -1.44
N THR C 139 7.46 -12.62 -2.13
CA THR C 139 6.55 -13.74 -2.34
C THR C 139 7.06 -14.49 -3.58
N GLN C 140 6.55 -15.70 -3.84
CA GLN C 140 6.90 -16.49 -5.02
C GLN C 140 6.61 -15.73 -6.33
N GLU C 141 5.49 -14.99 -6.35
CA GLU C 141 5.09 -14.19 -7.52
CA GLU C 141 5.06 -14.18 -7.51
C GLU C 141 6.08 -13.07 -7.80
N GLU C 142 6.63 -12.43 -6.73
CA GLU C 142 7.64 -11.38 -6.87
C GLU C 142 8.94 -11.94 -7.43
N TYR C 143 9.36 -13.13 -6.97
CA TYR C 143 10.56 -13.77 -7.51
C TYR C 143 10.39 -14.09 -9.00
N ALA C 144 9.21 -14.65 -9.37
CA ALA C 144 8.89 -15.01 -10.75
C ALA C 144 8.89 -13.79 -11.67
N LEU C 145 8.21 -12.71 -11.26
CA LEU C 145 8.18 -11.50 -12.08
CA LEU C 145 8.16 -11.49 -12.05
C LEU C 145 9.52 -10.79 -12.12
N LEU C 146 10.26 -10.77 -11.01
CA LEU C 146 11.58 -10.12 -11.04
C LEU C 146 12.52 -10.89 -11.99
N THR C 147 12.36 -12.24 -12.07
CA THR C 147 13.15 -13.09 -13.00
C THR C 147 12.81 -12.72 -14.47
N ALA C 148 11.50 -12.59 -14.79
CA ALA C 148 11.03 -12.21 -16.13
C ALA C 148 11.57 -10.83 -16.53
N ILE C 149 11.59 -9.88 -15.59
CA ILE C 149 12.10 -8.52 -15.79
C ILE C 149 13.61 -8.51 -16.07
N VAL C 150 14.36 -9.37 -15.36
CA VAL C 150 15.80 -9.55 -15.54
C VAL C 150 16.07 -10.14 -16.95
N ILE C 151 15.28 -11.14 -17.38
CA ILE C 151 15.42 -11.76 -18.70
C ILE C 151 15.10 -10.74 -19.80
N LEU C 152 14.02 -9.99 -19.63
CA LEU C 152 13.59 -9.01 -20.63
C LEU C 152 14.22 -7.63 -20.40
N SER C 153 15.53 -7.58 -20.15
CA SER C 153 16.26 -6.32 -19.95
CA SER C 153 16.25 -6.31 -19.95
C SER C 153 16.59 -5.68 -21.30
N PRO C 154 16.05 -4.46 -21.60
CA PRO C 154 16.36 -3.81 -22.89
C PRO C 154 17.78 -3.28 -23.01
N ASP C 155 18.42 -3.06 -21.85
CA ASP C 155 19.78 -2.53 -21.75
C ASP C 155 20.88 -3.60 -21.90
N ARG C 156 20.52 -4.83 -22.33
CA ARG C 156 21.47 -5.93 -22.50
C ARG C 156 22.44 -5.66 -23.65
N GLN C 157 23.70 -6.09 -23.50
CA GLN C 157 24.71 -5.92 -24.54
C GLN C 157 24.36 -6.79 -25.77
N TYR C 158 24.58 -6.21 -26.98
CA TYR C 158 24.40 -6.79 -28.32
C TYR C 158 22.92 -6.80 -28.80
N ILE C 159 22.01 -6.16 -28.04
CA ILE C 159 20.59 -6.05 -28.44
C ILE C 159 20.48 -5.04 -29.58
N LYS C 160 19.88 -5.47 -30.69
CA LYS C 160 19.68 -4.63 -31.88
C LYS C 160 18.44 -3.75 -31.75
N ASP C 161 17.31 -4.33 -31.27
CA ASP C 161 16.06 -3.60 -31.10
C ASP C 161 15.62 -3.56 -29.63
N ARG C 162 16.08 -2.53 -28.92
CA ARG C 162 15.80 -2.30 -27.49
C ARG C 162 14.35 -1.97 -27.22
N GLU C 163 13.71 -1.20 -28.13
CA GLU C 163 12.31 -0.78 -28.01
C GLU C 163 11.37 -1.99 -28.00
N ALA C 164 11.66 -3.02 -28.82
CA ALA C 164 10.88 -4.25 -28.87
C ALA C 164 10.96 -4.97 -27.51
N VAL C 165 12.14 -4.98 -26.88
CA VAL C 165 12.35 -5.60 -25.54
C VAL C 165 11.64 -4.76 -24.47
N GLU C 166 11.78 -3.42 -24.51
CA GLU C 166 11.12 -2.47 -23.59
C GLU C 166 9.61 -2.73 -23.53
N LYS C 167 8.97 -2.86 -24.70
CA LYS C 167 7.54 -3.13 -24.86
C LYS C 167 7.08 -4.40 -24.16
N LEU C 168 7.95 -5.42 -24.11
CA LEU C 168 7.64 -6.69 -23.45
C LEU C 168 7.88 -6.64 -21.95
N GLN C 169 8.88 -5.85 -21.51
CA GLN C 169 9.22 -5.72 -20.10
C GLN C 169 8.22 -4.86 -19.33
N GLU C 170 7.73 -3.76 -19.94
CA GLU C 170 6.79 -2.79 -19.31
C GLU C 170 5.54 -3.44 -18.66
N PRO C 171 4.74 -4.31 -19.32
CA PRO C 171 3.59 -4.92 -18.61
C PRO C 171 3.99 -5.76 -17.40
N LEU C 172 5.19 -6.37 -17.42
CA LEU C 172 5.69 -7.16 -16.29
C LEU C 172 6.09 -6.23 -15.14
N LEU C 173 6.73 -5.08 -15.44
CA LEU C 173 7.11 -4.09 -14.43
C LEU C 173 5.83 -3.55 -13.75
N ASP C 174 4.76 -3.34 -14.54
CA ASP C 174 3.46 -2.88 -14.06
C ASP C 174 2.84 -3.87 -13.06
N VAL C 175 2.87 -5.18 -13.41
CA VAL C 175 2.33 -6.25 -12.55
C VAL C 175 3.16 -6.30 -11.25
N LEU C 176 4.50 -6.28 -11.35
CA LEU C 176 5.40 -6.30 -10.19
C LEU C 176 5.13 -5.13 -9.23
N GLN C 177 4.98 -3.91 -9.77
CA GLN C 177 4.68 -2.74 -8.95
C GLN C 177 3.37 -2.91 -8.16
N LYS C 178 2.34 -3.48 -8.81
CA LYS C 178 1.04 -3.74 -8.16
C LYS C 178 1.20 -4.77 -7.04
N LEU C 179 1.98 -5.85 -7.27
CA LEU C 179 2.25 -6.89 -6.26
C LEU C 179 2.93 -6.31 -5.03
N CYS C 180 3.88 -5.39 -5.23
CA CYS C 180 4.59 -4.69 -4.13
C CYS C 180 3.61 -3.84 -3.31
N LYS C 181 2.67 -3.14 -3.97
CA LYS C 181 1.66 -2.34 -3.30
C LYS C 181 0.65 -3.22 -2.51
N ILE C 182 0.24 -4.37 -3.08
CA ILE C 182 -0.70 -5.32 -2.47
C ILE C 182 -0.10 -6.08 -1.27
N HIS C 183 1.09 -6.68 -1.46
CA HIS C 183 1.74 -7.55 -0.45
C HIS C 183 2.67 -6.83 0.53
N GLN C 184 3.20 -5.64 0.19
CA GLN C 184 4.03 -4.87 1.13
C GLN C 184 3.49 -3.40 1.24
N PRO C 185 2.19 -3.20 1.62
CA PRO C 185 1.66 -1.82 1.68
C PRO C 185 2.28 -0.92 2.74
N GLU C 186 2.87 -1.50 3.79
CA GLU C 186 3.56 -0.79 4.88
C GLU C 186 4.91 -0.22 4.42
N ASN C 187 5.45 -0.69 3.27
CA ASN C 187 6.71 -0.24 2.73
C ASN C 187 6.54 0.31 1.28
N PRO C 188 6.23 1.63 1.12
CA PRO C 188 6.02 2.15 -0.26
C PRO C 188 7.25 2.13 -1.18
N GLN C 189 8.47 1.95 -0.63
CA GLN C 189 9.69 1.88 -1.45
C GLN C 189 10.11 0.44 -1.83
N HIS C 190 9.27 -0.57 -1.47
CA HIS C 190 9.55 -1.98 -1.76
C HIS C 190 9.88 -2.21 -3.25
N PHE C 191 9.04 -1.69 -4.19
CA PHE C 191 9.28 -1.84 -5.64
C PHE C 191 10.63 -1.28 -6.06
N ALA C 192 10.96 -0.07 -5.58
CA ALA C 192 12.25 0.59 -5.85
C ALA C 192 13.41 -0.27 -5.32
N CYS C 193 13.27 -0.83 -4.11
CA CYS C 193 14.31 -1.68 -3.52
C CYS C 193 14.56 -2.95 -4.34
N LEU C 194 13.48 -3.58 -4.87
CA LEU C 194 13.59 -4.78 -5.71
C LEU C 194 14.39 -4.43 -6.96
N LEU C 195 14.09 -3.29 -7.62
CA LEU C 195 14.81 -2.85 -8.81
C LEU C 195 16.26 -2.48 -8.48
N GLY C 196 16.50 -1.87 -7.32
CA GLY C 196 17.83 -1.52 -6.87
C GLY C 196 18.72 -2.73 -6.60
N ARG C 197 18.11 -3.87 -6.17
CA ARG C 197 18.86 -5.10 -5.90
C ARG C 197 19.35 -5.79 -7.20
N LEU C 198 18.83 -5.38 -8.38
CA LEU C 198 19.26 -5.88 -9.70
C LEU C 198 20.67 -5.45 -10.07
N THR C 199 21.17 -4.33 -9.47
CA THR C 199 22.54 -3.83 -9.71
C THR C 199 23.54 -4.84 -9.19
N GLU C 200 23.31 -5.43 -8.00
CA GLU C 200 24.19 -6.46 -7.42
C GLU C 200 24.21 -7.70 -8.28
N LEU C 201 23.05 -8.08 -8.86
CA LEU C 201 22.94 -9.22 -9.76
C LEU C 201 23.84 -9.05 -10.97
N ARG C 202 23.83 -7.86 -11.55
CA ARG C 202 24.64 -7.51 -12.72
C ARG C 202 26.15 -7.65 -12.38
N THR C 203 26.57 -7.28 -11.16
CA THR C 203 27.98 -7.40 -10.75
C THR C 203 28.43 -8.87 -10.76
N PHE C 204 27.56 -9.79 -10.27
CA PHE C 204 27.84 -11.24 -10.29
C PHE C 204 28.03 -11.71 -11.73
N ASN C 205 27.16 -11.24 -12.63
CA ASN C 205 27.24 -11.58 -14.05
C ASN C 205 28.57 -11.08 -14.63
N HIS C 206 28.96 -9.82 -14.30
CA HIS C 206 30.21 -9.25 -14.79
C HIS C 206 31.45 -10.08 -14.41
N HIS C 207 31.46 -10.70 -13.21
CA HIS C 207 32.60 -11.50 -12.75
C HIS C 207 32.35 -13.02 -12.67
N HIS C 208 31.27 -13.53 -13.28
CA HIS C 208 30.90 -14.94 -13.20
C HIS C 208 32.05 -15.91 -13.58
N ALA C 209 32.78 -15.64 -14.68
CA ALA C 209 33.91 -16.48 -15.11
C ALA C 209 35.03 -16.56 -14.06
N GLU C 210 35.42 -15.43 -13.46
CA GLU C 210 36.44 -15.36 -12.41
C GLU C 210 35.98 -16.11 -11.16
N MET C 211 34.70 -15.99 -10.81
CA MET C 211 34.08 -16.67 -9.67
C MET C 211 34.16 -18.18 -9.85
N LEU C 212 33.81 -18.66 -11.05
CA LEU C 212 33.84 -20.08 -11.38
C LEU C 212 35.27 -20.62 -11.42
N MET C 213 36.19 -19.91 -12.08
CA MET C 213 37.59 -20.32 -12.23
C MET C 213 38.37 -20.26 -10.92
N SER C 214 37.89 -19.51 -9.91
CA SER C 214 38.56 -19.41 -8.61
C SER C 214 38.14 -20.52 -7.63
N TRP C 215 37.18 -21.39 -8.04
CA TRP C 215 36.71 -22.53 -7.23
C TRP C 215 37.93 -23.41 -6.94
N ARG C 216 38.08 -23.82 -5.66
CA ARG C 216 39.21 -24.62 -5.17
C ARG C 216 39.18 -26.07 -5.67
N VAL C 217 39.28 -26.26 -7.00
CA VAL C 217 39.26 -27.55 -7.69
C VAL C 217 40.42 -27.59 -8.69
N ASN C 218 40.92 -28.80 -9.00
CA ASN C 218 42.03 -29.00 -9.94
C ASN C 218 41.61 -28.83 -11.40
N ASP C 219 40.35 -29.18 -11.72
CA ASP C 219 39.80 -29.09 -13.07
C ASP C 219 38.42 -28.45 -13.03
N HIS C 220 38.17 -27.48 -13.92
CA HIS C 220 36.89 -26.80 -14.00
C HIS C 220 36.18 -27.25 -15.27
N LYS C 221 35.47 -28.40 -15.17
CA LYS C 221 34.74 -28.99 -16.29
C LYS C 221 33.30 -28.48 -16.34
N PHE C 222 32.92 -27.97 -17.50
CA PHE C 222 31.59 -27.45 -17.75
C PHE C 222 30.85 -28.30 -18.78
N THR C 223 29.51 -28.35 -18.70
CA THR C 223 28.68 -29.09 -19.67
C THR C 223 28.62 -28.25 -20.96
N PRO C 224 28.42 -28.86 -22.16
CA PRO C 224 28.35 -28.05 -23.40
C PRO C 224 27.33 -26.92 -23.36
N LEU C 225 26.18 -27.13 -22.67
CA LEU C 225 25.14 -26.10 -22.53
C LEU C 225 25.66 -24.90 -21.70
N LEU C 226 26.39 -25.18 -20.60
CA LEU C 226 26.96 -24.12 -19.76
C LEU C 226 28.05 -23.34 -20.49
N CYS C 227 28.83 -24.01 -21.36
CA CYS C 227 29.87 -23.36 -22.17
C CYS C 227 29.25 -22.31 -23.09
N GLU C 228 28.05 -22.60 -23.63
CA GLU C 228 27.31 -21.67 -24.49
C GLU C 228 26.77 -20.48 -23.73
N ILE C 229 26.14 -20.72 -22.57
CA ILE C 229 25.48 -19.67 -21.81
C ILE C 229 26.45 -18.87 -20.92
N TRP C 230 27.54 -19.47 -20.43
CA TRP C 230 28.54 -18.80 -19.58
C TRP C 230 29.80 -18.39 -20.34
N ASP C 231 30.18 -19.07 -21.45
CA ASP C 231 31.41 -18.77 -22.19
C ASP C 231 32.59 -18.92 -21.23
N VAL C 232 32.90 -20.17 -20.91
CA VAL C 232 33.94 -20.57 -19.97
C VAL C 232 34.84 -21.63 -20.57
N HIS D 3 26.06 -21.11 -30.41
CA HIS D 3 24.77 -21.00 -29.72
C HIS D 3 23.72 -22.00 -30.25
N GLN D 4 24.18 -23.16 -30.78
CA GLN D 4 23.33 -24.20 -31.33
C GLN D 4 22.41 -24.85 -30.30
N LEU D 5 22.91 -25.12 -29.09
CA LEU D 5 22.10 -25.72 -28.03
C LEU D 5 20.98 -24.79 -27.56
N LEU D 6 21.26 -23.48 -27.42
CA LEU D 6 20.23 -22.51 -27.02
C LEU D 6 19.17 -22.32 -28.12
N ARG D 7 19.63 -22.27 -29.39
CA ARG D 7 18.75 -22.17 -30.56
C ARG D 7 17.83 -23.39 -30.61
N TYR D 8 18.38 -24.60 -30.32
CA TYR D 8 17.59 -25.83 -30.28
C TYR D 8 16.53 -25.75 -29.19
N LEU D 9 16.92 -25.39 -27.96
CA LEU D 9 16.00 -25.28 -26.82
C LEU D 9 14.90 -24.23 -27.07
N LEU D 10 15.22 -23.17 -27.84
CA LEU D 10 14.26 -22.13 -28.19
C LEU D 10 13.32 -22.59 -29.31
N ASP D 11 13.85 -23.24 -30.35
CA ASP D 11 13.10 -23.63 -31.53
C ASP D 11 12.38 -24.98 -31.44
N LYS D 12 12.62 -25.76 -30.36
CA LYS D 12 11.91 -27.03 -30.15
C LYS D 12 10.44 -26.78 -29.76
N ASP D 13 9.54 -27.77 -30.00
CA ASP D 13 8.08 -27.74 -29.75
C ASP D 13 7.38 -26.67 -30.59
CL CL E . -10.49 37.21 11.28
C4 9L7 F . -8.22 9.19 9.21
C5 9L7 F . -9.25 8.41 8.67
C6 9L7 F . -9.67 7.26 9.34
C8 9L7 F . -10.85 7.59 7.45
C10 9L7 F . -11.53 5.51 8.75
N12 9L7 F . -12.87 6.89 10.22
C15 9L7 F . -10.73 4.19 8.72
C17 9L7 F . -8.73 2.94 7.72
C20 9L7 F . -11.64 3.00 8.34
C21 9L7 F . -12.95 8.35 12.19
C22 9L7 F . -13.80 8.84 13.37
C24 9L7 F . -15.89 8.23 12.13
C26 9L7 F . -13.82 7.10 4.40
C28 9L7 F . -13.85 8.19 5.28
C1 9L7 F . -7.64 8.79 10.41
C2 9L7 F . -8.07 7.62 11.07
C3 9L7 F . -9.10 6.84 10.53
N9 9L7 F . -10.00 8.60 7.49
N7 9L7 F . -10.71 6.73 8.53
C11 9L7 F . -12.33 5.68 10.05
O13 9L7 F . -12.45 4.76 10.85
C14 9L7 F . -13.67 7.26 11.39
C23 9L7 F . -15.17 9.34 12.88
C25 9L7 F . -15.06 7.74 10.93
C16 9L7 F . -9.53 4.25 7.72
C18 9L7 F . -9.62 1.75 7.37
C19 9L7 F . -10.85 1.66 8.31
C36 9L7 F . -11.84 7.39 6.38
C32 9L7 F . -12.87 8.32 6.26
C27 9L7 F . -14.87 6.94 3.33
O31 9L7 F . -14.60 6.30 2.32
C30 9L7 F . -16.25 7.54 3.48
C34 9L7 F . -16.91 8.07 2.36
C37 9L7 F . -18.18 8.64 2.48
C39 9L7 F . -18.82 8.67 3.70
C38 9L7 F . -18.19 8.14 4.82
C35 9L7 F . -16.91 7.57 4.72
C29 9L7 F . -12.80 6.16 4.52
C33 9L7 F . -11.81 6.30 5.50
C4 9L7 G . 21.96 -21.04 -2.20
C5 9L7 G . 22.93 -21.39 -3.13
C6 9L7 G . 23.00 -22.70 -3.58
C8 9L7 G . 24.57 -21.42 -4.52
C10 9L7 G . 24.60 -23.86 -5.27
N12 9L7 G . 22.80 -23.47 -6.86
C15 9L7 G . 25.24 -24.97 -4.42
C17 9L7 G . 26.65 -25.52 -2.35
C20 9L7 G . 26.19 -25.85 -5.26
C21 9L7 G . 20.37 -23.44 -7.18
C22 9L7 G . 19.23 -23.70 -8.18
C24 9L7 G . 20.80 -23.36 -10.11
C26 9L7 G . 27.78 -20.18 -7.09
C28 9L7 G . 26.47 -19.77 -7.31
C1 9L7 G . 21.08 -22.01 -1.74
C2 9L7 G . 21.16 -23.34 -2.21
C3 9L7 G . 22.14 -23.70 -3.13
N9 9L7 G . 23.92 -20.60 -3.73
N7 9L7 G . 24.08 -22.70 -4.49
C11 9L7 G . 23.51 -24.40 -6.20
O13 9L7 G . 23.32 -25.60 -6.33
C14 9L7 G . 21.73 -23.80 -7.78
C23 9L7 G . 19.46 -22.96 -9.49
C25 9L7 G . 21.96 -23.10 -9.13
C16 9L7 G . 26.02 -24.40 -3.19
C18 9L7 G . 27.56 -26.42 -3.18
C19 9L7 G . 26.82 -26.98 -4.43
C36 9L7 G . 25.70 -21.01 -5.38
C32 9L7 G . 25.45 -20.17 -6.46
C27 9L7 G . 28.91 -19.76 -7.98
O31 9L7 G . 30.05 -19.75 -7.54
C30 9L7 G . 28.67 -19.34 -9.40
C34 9L7 G . 29.37 -18.26 -9.93
C37 9L7 G . 29.16 -17.85 -11.25
C39 9L7 G . 28.27 -18.54 -12.05
C38 9L7 G . 27.58 -19.62 -11.54
C35 9L7 G . 27.77 -20.03 -10.22
C29 9L7 G . 28.04 -21.03 -6.01
C33 9L7 G . 27.02 -21.44 -5.17
#